data_2XFA
#
_entry.id   2XFA
#
_cell.length_a   111.580
_cell.length_b   57.900
_cell.length_c   40.490
_cell.angle_alpha   90.00
_cell.angle_beta   90.00
_cell.angle_gamma   90.00
#
_symmetry.space_group_name_H-M   'P 21 21 2'
#
loop_
_entity.id
_entity.type
_entity.pdbx_description
1 polymer 'ACTIN DEPOLYMERIZATION FACTOR 2'
2 water water
#
_entity_poly.entity_id   1
_entity_poly.type   'polypeptide(L)'
_entity_poly.pdbx_seq_one_letter_code
;GPLGSMVSGVNVSDECIYEFNRLKVKHLNKYIIYKIENLEKIVVDVLEHDMELTSLDNIIMRIKNNLKNTECRYIIADMP
IPTPEGVLRDRIYFIFWSPGLSKPKEKMLYAASKESLVRKINGIFKSLEITCDINEFEEELKAIILNT
;
_entity_poly.pdbx_strand_id   A,B
#
# COMPACT_ATOMS: atom_id res chain seq x y z
N MET A 6 14.45 21.67 -3.72
CA MET A 6 15.79 21.40 -3.21
C MET A 6 16.39 20.15 -3.84
N VAL A 7 17.63 19.83 -3.50
CA VAL A 7 18.35 18.73 -4.11
C VAL A 7 18.42 17.47 -3.24
N SER A 8 17.25 16.92 -2.88
CA SER A 8 17.21 15.67 -2.13
C SER A 8 17.20 14.45 -3.06
N GLY A 9 17.40 13.27 -2.49
CA GLY A 9 17.77 12.11 -3.28
C GLY A 9 16.73 11.06 -3.59
N VAL A 10 15.69 11.42 -4.33
CA VAL A 10 14.72 10.44 -4.80
C VAL A 10 14.58 10.44 -6.34
N ASN A 11 14.37 9.25 -6.91
CA ASN A 11 14.13 9.12 -8.35
C ASN A 11 12.72 8.60 -8.64
N VAL A 12 12.38 8.54 -9.93
CA VAL A 12 11.02 8.24 -10.35
C VAL A 12 10.91 6.90 -11.09
N SER A 13 10.13 5.99 -10.55
CA SER A 13 9.92 4.67 -11.15
C SER A 13 9.17 4.76 -12.48
N ASP A 14 9.58 3.93 -13.43
CA ASP A 14 9.01 3.95 -14.78
C ASP A 14 7.54 3.54 -14.85
N GLU A 15 7.09 2.71 -13.92
CA GLU A 15 5.66 2.40 -13.81
C GLU A 15 4.85 3.69 -13.63
N CYS A 16 5.47 4.70 -13.04
CA CYS A 16 4.78 5.96 -12.75
C CYS A 16 4.25 6.57 -14.03
N ILE A 17 5.14 6.74 -15.01
CA ILE A 17 4.77 7.32 -16.28
C ILE A 17 3.91 6.34 -17.08
N TYR A 18 4.21 5.05 -16.94
CA TYR A 18 3.40 4.02 -17.58
C TYR A 18 1.93 4.25 -17.26
N GLU A 19 1.61 4.36 -15.98
CA GLU A 19 0.22 4.48 -15.55
C GLU A 19 -0.40 5.82 -15.91
N PHE A 20 0.38 6.89 -15.76
CA PHE A 20 -0.10 8.18 -16.20
C PHE A 20 -0.49 8.17 -17.69
N ASN A 21 0.34 7.53 -18.50
CA ASN A 21 0.02 7.45 -19.92
C ASN A 21 -1.25 6.62 -20.16
N ARG A 22 -1.42 5.54 -19.40
CA ARG A 22 -2.67 4.78 -19.47
C ARG A 22 -3.88 5.63 -19.07
N LEU A 23 -3.68 6.58 -18.15
CA LEU A 23 -4.72 7.53 -17.72
C LEU A 23 -5.01 8.57 -18.78
N LYS A 24 -3.94 9.21 -19.24
CA LYS A 24 -4.00 10.30 -20.22
C LYS A 24 -4.44 9.83 -21.59
N VAL A 25 -3.77 8.79 -22.10
CA VAL A 25 -3.99 8.32 -23.46
C VAL A 25 -5.04 7.22 -23.60
N LYS A 26 -4.94 6.20 -22.77
CA LYS A 26 -5.83 5.04 -22.86
C LYS A 26 -7.03 5.11 -21.91
N HIS A 27 -7.08 6.18 -21.11
CA HIS A 27 -8.23 6.42 -20.23
C HIS A 27 -8.63 5.21 -19.41
N LEU A 28 -7.66 4.38 -19.06
CA LEU A 28 -7.94 3.15 -18.31
C LEU A 28 -7.86 3.37 -16.80
N ASN A 29 -7.37 4.54 -16.40
CA ASN A 29 -7.30 4.91 -14.99
C ASN A 29 -8.05 6.21 -14.79
N LYS A 30 -8.78 6.32 -13.70
CA LYS A 30 -9.43 7.59 -13.38
C LYS A 30 -8.56 8.49 -12.51
N TYR A 31 -7.79 7.89 -11.60
CA TYR A 31 -6.83 8.63 -10.82
C TYR A 31 -5.71 7.73 -10.38
N ILE A 32 -4.58 8.33 -10.07
CA ILE A 32 -3.43 7.57 -9.63
C ILE A 32 -2.96 8.33 -8.42
N ILE A 33 -2.58 7.60 -7.37
CA ILE A 33 -1.94 8.21 -6.23
C ILE A 33 -0.52 7.63 -6.17
N TYR A 34 0.48 8.49 -6.01
CA TYR A 34 1.88 8.10 -5.99
C TYR A 34 2.44 8.37 -4.62
N LYS A 35 3.50 7.66 -4.24
CA LYS A 35 4.12 7.96 -2.97
C LYS A 35 5.62 7.76 -3.07
N ILE A 36 6.35 8.27 -2.11
CA ILE A 36 7.78 7.97 -2.05
C ILE A 36 7.98 6.76 -1.17
N GLU A 37 8.46 5.69 -1.77
CA GLU A 37 8.75 4.47 -1.03
C GLU A 37 10.17 4.46 -0.52
N ASN A 38 10.34 4.06 0.73
CA ASN A 38 11.65 3.95 1.35
C ASN A 38 12.53 5.18 1.15
N LEU A 39 11.87 6.32 0.94
CA LEU A 39 12.53 7.62 0.90
C LEU A 39 13.43 7.83 -0.30
N GLU A 40 13.22 7.08 -1.37
CA GLU A 40 14.14 7.22 -2.51
C GLU A 40 13.57 6.86 -3.88
N LYS A 41 12.31 6.47 -3.94
CA LYS A 41 11.74 6.07 -5.22
C LYS A 41 10.28 6.46 -5.25
N ILE A 42 9.86 7.23 -6.26
CA ILE A 42 8.44 7.58 -6.34
C ILE A 42 7.75 6.40 -6.99
N VAL A 43 6.70 5.89 -6.36
CA VAL A 43 6.00 4.70 -6.85
C VAL A 43 4.46 4.87 -6.85
N VAL A 44 3.76 4.02 -7.60
CA VAL A 44 2.31 4.00 -7.63
C VAL A 44 1.76 3.41 -6.33
N ASP A 45 0.90 4.16 -5.65
CA ASP A 45 0.31 3.69 -4.42
C ASP A 45 -1.08 3.10 -4.67
N VAL A 46 -1.88 3.80 -5.47
CA VAL A 46 -3.26 3.40 -5.75
C VAL A 46 -3.62 3.74 -7.18
N LEU A 47 -4.41 2.87 -7.79
CA LEU A 47 -4.96 3.10 -9.12
C LEU A 47 -6.45 2.88 -9.10
N GLU A 48 -7.22 3.86 -9.55
CA GLU A 48 -8.65 3.64 -9.73
C GLU A 48 -8.94 3.30 -11.18
N HIS A 49 -9.28 2.03 -11.42
CA HIS A 49 -9.57 1.52 -12.76
C HIS A 49 -11.02 1.75 -13.20
N ASP A 50 -11.87 2.18 -12.27
CA ASP A 50 -13.30 2.34 -12.58
C ASP A 50 -13.54 3.50 -13.55
N MET A 51 -13.38 3.22 -14.84
CA MET A 51 -13.59 4.22 -15.87
C MET A 51 -15.08 4.58 -15.99
N GLU A 52 -15.90 3.96 -15.14
CA GLU A 52 -17.32 4.30 -15.05
C GLU A 52 -17.63 5.15 -13.83
N LEU A 53 -16.63 5.90 -13.38
CA LEU A 53 -16.82 6.88 -12.31
C LEU A 53 -16.95 8.24 -12.98
N THR A 54 -18.06 8.92 -12.72
CA THR A 54 -18.46 10.05 -13.54
C THR A 54 -18.55 11.35 -12.77
N SER A 55 -18.94 11.26 -11.51
CA SER A 55 -19.15 12.44 -10.67
C SER A 55 -17.82 13.04 -10.22
N LEU A 56 -17.70 14.36 -10.26
CA LEU A 56 -16.52 15.05 -9.73
C LEU A 56 -16.46 14.86 -8.22
N ASP A 57 -17.56 15.22 -7.57
CA ASP A 57 -17.69 15.07 -6.15
C ASP A 57 -17.43 13.63 -5.74
N ASN A 58 -17.91 12.68 -6.54
CA ASN A 58 -17.60 11.30 -6.22
C ASN A 58 -16.13 10.98 -6.41
N ILE A 59 -15.48 11.58 -7.39
CA ILE A 59 -14.10 11.23 -7.57
C ILE A 59 -13.23 11.81 -6.44
N ILE A 60 -13.51 13.05 -6.07
CA ILE A 60 -12.88 13.74 -4.96
C ILE A 60 -13.09 12.95 -3.65
N MET A 61 -14.29 12.43 -3.45
CA MET A 61 -14.57 11.60 -2.28
C MET A 61 -13.71 10.34 -2.26
N ARG A 62 -13.62 9.67 -3.41
CA ARG A 62 -12.81 8.46 -3.50
C ARG A 62 -11.33 8.72 -3.27
N ILE A 63 -10.82 9.83 -3.81
CA ILE A 63 -9.44 10.18 -3.58
C ILE A 63 -9.20 10.44 -2.11
N LYS A 64 -10.12 11.19 -1.50
CA LYS A 64 -9.98 11.58 -0.10
C LYS A 64 -9.90 10.34 0.81
N ASN A 65 -10.68 9.33 0.49
CA ASN A 65 -10.70 8.14 1.34
C ASN A 65 -9.37 7.39 1.28
N ASN A 66 -8.53 7.71 0.30
CA ASN A 66 -7.18 7.13 0.20
C ASN A 66 -6.07 7.95 0.85
N LEU A 67 -6.42 9.09 1.43
CA LEU A 67 -5.43 10.00 1.99
C LEU A 67 -5.49 10.00 3.51
N LYS A 68 -4.44 10.48 4.17
CA LYS A 68 -4.45 10.59 5.63
C LYS A 68 -3.89 11.93 6.05
N ASN A 69 -4.17 12.33 7.28
CA ASN A 69 -3.69 13.60 7.79
C ASN A 69 -2.19 13.57 8.06
N THR A 70 -1.57 12.41 7.96
CA THR A 70 -0.21 12.27 8.48
C THR A 70 0.77 11.83 7.39
N GLU A 71 0.32 11.77 6.14
CA GLU A 71 1.23 11.46 5.05
C GLU A 71 0.99 12.20 3.73
N CYS A 72 2.10 12.65 3.13
CA CYS A 72 2.07 13.29 1.82
C CYS A 72 1.83 12.33 0.66
N ARG A 73 1.09 12.80 -0.34
CA ARG A 73 0.89 12.07 -1.59
C ARG A 73 0.91 12.99 -2.82
N TYR A 74 1.22 12.43 -3.99
CA TYR A 74 0.93 13.11 -5.24
C TYR A 74 -0.26 12.41 -5.84
N ILE A 75 -1.22 13.18 -6.31
CA ILE A 75 -2.35 12.59 -6.97
C ILE A 75 -2.48 13.16 -8.40
N ILE A 76 -2.65 12.27 -9.37
CA ILE A 76 -3.07 12.67 -10.68
C ILE A 76 -4.51 12.19 -10.90
N ALA A 77 -5.40 13.11 -11.30
CA ALA A 77 -6.81 12.80 -11.48
C ALA A 77 -7.33 13.37 -12.80
N ASP A 78 -8.08 12.56 -13.53
CA ASP A 78 -8.78 13.01 -14.73
C ASP A 78 -10.17 13.52 -14.33
N MET A 79 -10.28 14.82 -14.11
CA MET A 79 -11.50 15.41 -13.57
C MET A 79 -12.53 15.73 -14.65
N PRO A 80 -13.77 15.25 -14.49
CA PRO A 80 -14.84 15.52 -15.45
C PRO A 80 -15.39 16.92 -15.25
N ILE A 81 -14.99 17.87 -16.09
CA ILE A 81 -15.36 19.26 -15.85
C ILE A 81 -16.07 19.95 -17.01
N PRO A 82 -17.32 20.36 -16.77
CA PRO A 82 -18.13 20.99 -17.82
C PRO A 82 -17.60 22.37 -18.16
N THR A 83 -17.55 22.68 -19.44
CA THR A 83 -17.16 24.00 -19.93
C THR A 83 -18.12 25.05 -19.35
N PRO A 84 -17.82 26.33 -19.56
CA PRO A 84 -18.83 27.34 -19.18
C PRO A 84 -20.08 27.17 -20.04
N GLU A 85 -20.22 26.01 -20.67
CA GLU A 85 -21.38 25.68 -21.49
C GLU A 85 -22.44 24.87 -20.73
N GLY A 86 -22.13 23.64 -20.31
CA GLY A 86 -20.83 23.03 -20.50
C GLY A 86 -20.92 21.59 -20.96
N VAL A 87 -20.05 21.22 -21.89
CA VAL A 87 -19.93 19.83 -22.34
C VAL A 87 -18.76 19.16 -21.62
N LEU A 88 -19.07 18.30 -20.65
CA LEU A 88 -18.06 17.65 -19.82
C LEU A 88 -16.74 17.35 -20.53
N ARG A 89 -15.74 18.18 -20.29
CA ARG A 89 -14.41 17.93 -20.80
C ARG A 89 -13.54 17.44 -19.66
N ASP A 90 -12.79 16.36 -19.90
CA ASP A 90 -11.85 15.80 -18.94
C ASP A 90 -10.57 16.62 -18.85
N ARG A 91 -10.22 17.07 -17.64
CA ARG A 91 -9.00 17.86 -17.40
C ARG A 91 -8.09 17.12 -16.44
N ILE A 92 -6.79 17.14 -16.70
CA ILE A 92 -5.87 16.43 -15.83
C ILE A 92 -5.36 17.36 -14.74
N TYR A 93 -5.65 17.03 -13.49
CA TYR A 93 -5.16 17.82 -12.36
C TYR A 93 -4.03 17.06 -11.70
N PHE A 94 -3.02 17.78 -11.23
CA PHE A 94 -1.97 17.18 -10.44
C PHE A 94 -2.10 17.80 -9.04
N ILE A 95 -2.15 16.97 -8.01
CA ILE A 95 -2.40 17.50 -6.68
C ILE A 95 -1.31 17.02 -5.75
N PHE A 96 -0.70 17.97 -5.07
CA PHE A 96 0.28 17.63 -4.07
C PHE A 96 -0.41 17.79 -2.70
N TRP A 97 -0.73 16.64 -2.12
CA TRP A 97 -1.32 16.57 -0.77
C TRP A 97 -0.21 16.58 0.25
N SER A 98 -0.18 17.66 1.03
CA SER A 98 0.85 17.85 2.02
C SER A 98 0.25 18.33 3.33
N PRO A 99 -0.24 17.39 4.16
CA PRO A 99 -0.93 17.77 5.41
C PRO A 99 0.01 18.18 6.52
N GLY A 100 -0.52 18.95 7.45
CA GLY A 100 0.27 19.50 8.54
C GLY A 100 0.85 18.48 9.50
N LEU A 101 0.18 17.34 9.67
CA LEU A 101 0.64 16.34 10.64
C LEU A 101 1.64 15.35 10.06
N SER A 102 2.01 15.54 8.81
CA SER A 102 3.07 14.75 8.23
C SER A 102 4.37 15.26 8.84
N LYS A 103 5.31 14.37 9.12
CA LYS A 103 6.59 14.78 9.70
C LYS A 103 7.42 15.56 8.70
N PRO A 104 8.25 16.50 9.18
CA PRO A 104 9.00 17.46 8.34
C PRO A 104 9.91 16.76 7.36
N LYS A 105 10.63 15.74 7.82
CA LYS A 105 11.50 14.94 6.97
C LYS A 105 10.78 14.55 5.67
N GLU A 106 9.49 14.30 5.78
CA GLU A 106 8.64 13.86 4.68
C GLU A 106 8.10 15.05 3.90
N LYS A 107 7.54 16.02 4.61
CA LYS A 107 7.10 17.24 3.93
C LYS A 107 8.17 17.82 2.99
N MET A 108 9.36 18.07 3.50
CA MET A 108 10.41 18.64 2.67
C MET A 108 10.78 17.74 1.49
N LEU A 109 10.96 16.45 1.73
CA LEU A 109 11.27 15.50 0.66
C LEU A 109 10.22 15.47 -0.45
N TYR A 110 8.94 15.43 -0.07
CA TYR A 110 7.90 15.45 -1.09
C TYR A 110 7.92 16.75 -1.91
N ALA A 111 8.04 17.88 -1.24
CA ALA A 111 8.08 19.15 -1.92
C ALA A 111 9.30 19.22 -2.81
N ALA A 112 10.45 18.73 -2.32
CA ALA A 112 11.68 18.87 -3.06
C ALA A 112 11.74 17.91 -4.24
N SER A 113 10.86 16.92 -4.24
CA SER A 113 10.80 15.88 -5.27
C SER A 113 9.67 16.12 -6.27
N LYS A 114 8.71 16.95 -5.88
CA LYS A 114 7.51 17.17 -6.70
C LYS A 114 7.90 17.45 -8.17
N GLU A 115 8.83 18.38 -8.38
CA GLU A 115 9.30 18.74 -9.73
C GLU A 115 9.79 17.56 -10.56
N SER A 116 10.48 16.63 -9.90
CA SER A 116 11.03 15.45 -10.55
C SER A 116 9.90 14.63 -11.15
N LEU A 117 8.76 14.61 -10.47
CA LEU A 117 7.61 13.91 -11.00
C LEU A 117 6.91 14.76 -12.09
N VAL A 118 6.58 16.00 -11.77
CA VAL A 118 5.78 16.85 -12.65
C VAL A 118 6.42 17.04 -14.00
N ARG A 119 7.74 17.17 -14.01
CA ARG A 119 8.42 17.49 -15.25
C ARG A 119 8.36 16.31 -16.24
N LYS A 120 7.96 15.14 -15.79
CA LYS A 120 7.81 13.97 -16.67
C LYS A 120 6.39 13.82 -17.16
N ILE A 121 5.50 14.64 -16.62
CA ILE A 121 4.07 14.48 -16.81
C ILE A 121 3.52 15.61 -17.65
N ASN A 122 3.48 15.42 -18.95
CA ASN A 122 2.97 16.43 -19.87
C ASN A 122 1.43 16.40 -19.94
N GLY A 123 0.81 17.51 -20.32
CA GLY A 123 -0.64 17.52 -20.41
C GLY A 123 -1.42 17.89 -19.14
N ILE A 124 -0.74 18.25 -18.06
CA ILE A 124 -1.44 18.72 -16.86
C ILE A 124 -2.21 20.02 -17.07
N PHE A 125 -3.50 19.99 -16.74
CA PHE A 125 -4.36 21.16 -16.84
C PHE A 125 -4.08 22.12 -15.71
N LYS A 126 -3.88 21.59 -14.50
CA LYS A 126 -3.51 22.45 -13.38
C LYS A 126 -2.81 21.67 -12.28
N SER A 127 -1.79 22.28 -11.72
CA SER A 127 -1.07 21.68 -10.61
C SER A 127 -1.47 22.42 -9.32
N LEU A 128 -1.77 21.66 -8.27
CA LEU A 128 -2.32 22.22 -7.03
C LEU A 128 -1.54 21.74 -5.82
N GLU A 129 -1.44 22.57 -4.81
CA GLU A 129 -0.92 22.14 -3.54
C GLU A 129 -2.01 22.38 -2.50
N ILE A 130 -2.32 21.32 -1.75
CA ILE A 130 -3.30 21.36 -0.67
C ILE A 130 -2.67 20.90 0.64
N THR A 131 -2.78 21.74 1.66
CA THR A 131 -2.10 21.51 2.92
C THR A 131 -3.09 21.63 4.10
N CYS A 132 -4.37 21.64 3.81
CA CYS A 132 -5.38 21.81 4.87
C CYS A 132 -5.46 20.53 5.72
N ASP A 133 -6.43 20.48 6.62
CA ASP A 133 -6.71 19.24 7.36
C ASP A 133 -7.50 18.31 6.45
N ILE A 134 -7.33 17.00 6.64
CA ILE A 134 -8.07 16.02 5.87
C ILE A 134 -9.58 16.30 5.86
N ASN A 135 -10.13 16.83 6.97
CA ASN A 135 -11.55 17.22 7.04
C ASN A 135 -12.02 18.26 6.03
N GLU A 136 -11.11 19.06 5.49
CA GLU A 136 -11.50 20.09 4.52
C GLU A 136 -10.99 19.77 3.12
N PHE A 137 -10.22 18.70 2.98
CA PHE A 137 -9.70 18.31 1.67
C PHE A 137 -10.79 18.47 0.60
N GLU A 138 -11.91 17.80 0.81
CA GLU A 138 -12.95 17.66 -0.20
C GLU A 138 -13.55 19.00 -0.57
N GLU A 139 -13.82 19.85 0.43
CA GLU A 139 -14.40 21.16 0.13
C GLU A 139 -13.38 22.09 -0.52
N GLU A 140 -12.14 22.00 -0.08
CA GLU A 140 -11.12 22.88 -0.60
C GLU A 140 -10.82 22.55 -2.06
N LEU A 141 -10.61 21.28 -2.37
CA LEU A 141 -10.32 20.92 -3.75
C LEU A 141 -11.46 21.38 -4.66
N LYS A 142 -12.70 21.13 -4.25
CA LYS A 142 -13.85 21.56 -5.04
C LYS A 142 -13.83 23.09 -5.27
N ALA A 143 -13.62 23.84 -4.19
CA ALA A 143 -13.57 25.30 -4.25
C ALA A 143 -12.49 25.73 -5.23
N ILE A 144 -11.31 25.14 -5.12
CA ILE A 144 -10.25 25.46 -6.05
C ILE A 144 -10.67 25.14 -7.48
N ILE A 145 -11.06 23.90 -7.71
CA ILE A 145 -11.46 23.52 -9.05
C ILE A 145 -12.51 24.48 -9.61
N LEU A 146 -13.52 24.82 -8.81
CA LEU A 146 -14.63 25.65 -9.29
C LEU A 146 -14.30 27.14 -9.47
N ASN A 147 -13.38 27.68 -8.67
CA ASN A 147 -12.94 29.06 -8.84
C ASN A 147 -11.85 29.18 -9.90
N THR A 148 -11.97 28.33 -10.93
CA THR A 148 -11.08 28.36 -12.07
C THR A 148 -9.69 27.89 -11.66
N MET B 6 18.39 -8.54 16.74
CA MET B 6 19.33 -7.53 16.27
C MET B 6 20.43 -8.15 15.39
N VAL B 7 20.85 -9.36 15.72
CA VAL B 7 21.90 -10.03 14.97
C VAL B 7 21.49 -11.48 14.63
N SER B 8 21.34 -11.77 13.33
CA SER B 8 20.91 -13.10 12.89
C SER B 8 21.83 -13.73 11.84
N GLY B 9 21.88 -15.04 11.81
CA GLY B 9 22.74 -15.75 10.88
C GLY B 9 22.04 -16.77 10.02
N VAL B 10 20.73 -16.94 10.21
CA VAL B 10 20.00 -17.96 9.48
C VAL B 10 19.99 -17.68 7.98
N ASN B 11 19.78 -18.73 7.20
CA ASN B 11 19.80 -18.64 5.74
C ASN B 11 18.39 -18.61 5.19
N VAL B 12 18.13 -17.71 4.25
CA VAL B 12 16.85 -17.71 3.57
C VAL B 12 16.89 -18.58 2.32
N SER B 13 16.18 -19.71 2.38
CA SER B 13 16.13 -20.66 1.28
C SER B 13 15.57 -20.00 0.03
N ASP B 14 16.04 -20.44 -1.14
CA ASP B 14 15.65 -19.84 -2.42
C ASP B 14 14.16 -19.98 -2.67
N GLU B 15 13.59 -21.09 -2.20
CA GLU B 15 12.17 -21.34 -2.40
C GLU B 15 11.30 -20.24 -1.78
N CYS B 16 11.79 -19.58 -0.72
CA CYS B 16 11.02 -18.54 -0.03
C CYS B 16 10.76 -17.38 -0.97
N ILE B 17 11.76 -17.03 -1.75
CA ILE B 17 11.63 -15.87 -2.63
C ILE B 17 10.77 -16.26 -3.81
N TYR B 18 11.04 -17.45 -4.34
CA TYR B 18 10.29 -18.04 -5.45
C TYR B 18 8.78 -18.03 -5.19
N GLU B 19 8.37 -18.58 -4.06
CA GLU B 19 6.95 -18.58 -3.71
C GLU B 19 6.39 -17.18 -3.50
N PHE B 20 7.14 -16.31 -2.84
CA PHE B 20 6.68 -14.93 -2.70
C PHE B 20 6.37 -14.32 -4.07
N ASN B 21 7.28 -14.46 -5.02
CA ASN B 21 7.07 -13.85 -6.32
C ASN B 21 5.87 -14.42 -7.05
N ARG B 22 5.61 -15.71 -6.82
CA ARG B 22 4.38 -16.33 -7.32
C ARG B 22 3.15 -15.63 -6.77
N LEU B 23 3.10 -15.43 -5.46
CA LEU B 23 2.00 -14.71 -4.83
C LEU B 23 1.87 -13.28 -5.35
N LYS B 24 3.00 -12.57 -5.38
CA LYS B 24 3.01 -11.15 -5.72
C LYS B 24 2.62 -10.87 -7.17
N VAL B 25 3.25 -11.54 -8.13
CA VAL B 25 2.94 -11.29 -9.53
C VAL B 25 1.84 -12.20 -10.10
N LYS B 26 1.92 -13.51 -9.84
CA LYS B 26 0.95 -14.45 -10.39
C LYS B 26 -0.32 -14.56 -9.55
N HIS B 27 -0.23 -14.23 -8.26
CA HIS B 27 -1.34 -14.39 -7.31
C HIS B 27 -1.75 -15.86 -7.17
N LEU B 28 -0.77 -16.75 -7.24
CA LEU B 28 -1.02 -18.18 -7.13
C LEU B 28 -1.41 -18.58 -5.70
N ASN B 29 -0.83 -17.89 -4.73
CA ASN B 29 -1.13 -18.15 -3.33
C ASN B 29 -1.83 -16.97 -2.67
N LYS B 30 -2.69 -17.27 -1.72
CA LYS B 30 -3.34 -16.26 -0.90
C LYS B 30 -2.38 -15.84 0.18
N TYR B 31 -1.68 -16.80 0.77
CA TYR B 31 -0.69 -16.47 1.79
C TYR B 31 0.37 -17.53 1.84
N ILE B 32 1.51 -17.15 2.41
CA ILE B 32 2.61 -18.06 2.65
C ILE B 32 3.03 -17.95 4.10
N ILE B 33 3.22 -19.08 4.75
CA ILE B 33 3.74 -19.06 6.11
C ILE B 33 5.16 -19.60 6.12
N TYR B 34 6.08 -18.87 6.75
CA TYR B 34 7.47 -19.30 6.80
C TYR B 34 7.85 -19.70 8.21
N LYS B 35 8.80 -20.63 8.33
CA LYS B 35 9.32 -20.98 9.64
C LYS B 35 10.84 -21.12 9.57
N ILE B 36 11.46 -21.25 10.74
CA ILE B 36 12.88 -21.56 10.82
C ILE B 36 13.05 -23.03 11.18
N GLU B 37 13.63 -23.79 10.27
CA GLU B 37 13.80 -25.22 10.48
C GLU B 37 15.15 -25.51 11.13
N ASN B 38 15.12 -26.19 12.26
CA ASN B 38 16.33 -26.56 13.00
C ASN B 38 17.24 -25.38 13.33
N LEU B 39 16.71 -24.16 13.30
CA LEU B 39 17.52 -22.98 13.60
C LEU B 39 18.51 -22.68 12.47
N GLU B 40 18.57 -23.57 11.49
CA GLU B 40 19.50 -23.43 10.37
C GLU B 40 19.08 -22.35 9.37
N LYS B 41 17.86 -22.46 8.85
CA LYS B 41 17.45 -21.61 7.73
C LYS B 41 15.95 -21.38 7.68
N ILE B 42 15.58 -20.36 6.92
CA ILE B 42 14.20 -20.00 6.70
C ILE B 42 13.64 -20.77 5.52
N VAL B 43 12.54 -21.47 5.74
CA VAL B 43 12.00 -22.35 4.73
C VAL B 43 10.49 -22.21 4.73
N VAL B 44 9.85 -22.63 3.65
CA VAL B 44 8.40 -22.49 3.56
C VAL B 44 7.71 -23.50 4.46
N ASP B 45 6.72 -23.05 5.22
CA ASP B 45 5.94 -23.90 6.10
C ASP B 45 4.64 -24.27 5.39
N VAL B 46 3.90 -23.26 4.93
CA VAL B 46 2.59 -23.47 4.32
C VAL B 46 2.35 -22.58 3.08
N LEU B 47 1.65 -23.14 2.10
CA LEU B 47 1.19 -22.42 0.91
C LEU B 47 -0.29 -22.66 0.75
N GLU B 48 -1.06 -21.59 0.63
CA GLU B 48 -2.49 -21.74 0.39
C GLU B 48 -2.87 -21.14 -0.95
N HIS B 49 -3.50 -21.94 -1.80
CA HIS B 49 -4.01 -21.44 -3.07
C HIS B 49 -5.52 -21.50 -3.05
N ASP B 50 -6.05 -22.21 -2.06
CA ASP B 50 -7.48 -22.49 -1.93
C ASP B 50 -8.36 -21.37 -2.49
N MET B 51 -9.29 -21.75 -3.36
CA MET B 51 -10.34 -20.86 -3.85
C MET B 51 -11.36 -20.69 -2.74
N GLU B 52 -12.50 -20.08 -3.05
CA GLU B 52 -13.55 -19.85 -2.04
C GLU B 52 -13.02 -18.93 -0.95
N LEU B 53 -11.71 -18.95 -0.77
CA LEU B 53 -11.01 -18.17 0.23
C LEU B 53 -10.91 -16.72 -0.24
N THR B 54 -12.05 -16.05 -0.36
CA THR B 54 -12.07 -14.70 -0.92
C THR B 54 -11.98 -13.59 0.13
N SER B 55 -12.82 -13.66 1.16
CA SER B 55 -12.98 -12.54 2.09
C SER B 55 -11.81 -12.38 3.05
N LEU B 56 -11.70 -11.19 3.62
CA LEU B 56 -10.70 -10.89 4.64
C LEU B 56 -10.88 -11.79 5.83
N ASP B 57 -12.12 -11.95 6.27
CA ASP B 57 -12.40 -12.83 7.41
C ASP B 57 -11.94 -14.27 7.14
N ASN B 58 -12.21 -14.76 5.95
CA ASN B 58 -11.83 -16.12 5.60
C ASN B 58 -10.31 -16.30 5.65
N ILE B 59 -9.60 -15.40 5.00
CA ILE B 59 -8.16 -15.53 4.91
C ILE B 59 -7.52 -15.49 6.29
N ILE B 60 -8.01 -14.57 7.11
CA ILE B 60 -7.49 -14.39 8.45
C ILE B 60 -7.76 -15.65 9.27
N MET B 61 -8.96 -16.19 9.15
CA MET B 61 -9.34 -17.45 9.79
C MET B 61 -8.35 -18.58 9.42
N ARG B 62 -8.22 -18.86 8.13
CA ARG B 62 -7.30 -19.87 7.65
C ARG B 62 -5.86 -19.69 8.13
N ILE B 63 -5.35 -18.46 8.12
CA ILE B 63 -4.02 -18.22 8.64
C ILE B 63 -3.93 -18.66 10.11
N LYS B 64 -4.92 -18.23 10.88
CA LYS B 64 -4.91 -18.49 12.31
C LYS B 64 -4.95 -20.00 12.64
N ASN B 65 -5.71 -20.78 11.88
CA ASN B 65 -5.77 -22.23 12.04
C ASN B 65 -4.46 -22.96 11.73
N ASN B 66 -3.46 -22.22 11.23
CA ASN B 66 -2.16 -22.79 10.93
C ASN B 66 -1.12 -22.43 11.97
N LEU B 67 -1.44 -21.46 12.83
CA LEU B 67 -0.48 -20.95 13.81
C LEU B 67 -0.65 -21.60 15.19
N LYS B 68 0.32 -21.36 16.07
CA LYS B 68 0.33 -21.97 17.40
C LYS B 68 0.81 -20.99 18.47
N ASN B 69 0.35 -21.17 19.70
CA ASN B 69 0.67 -20.22 20.76
C ASN B 69 2.10 -20.38 21.27
N THR B 70 2.79 -21.44 20.86
CA THR B 70 4.14 -21.69 21.37
C THR B 70 5.26 -21.68 20.32
N GLU B 71 4.91 -21.36 19.07
CA GLU B 71 5.91 -21.23 18.00
C GLU B 71 5.71 -19.93 17.25
N CYS B 72 6.81 -19.26 16.91
CA CYS B 72 6.73 -18.05 16.10
C CYS B 72 6.77 -18.41 14.63
N ARG B 73 6.21 -17.53 13.80
CA ARG B 73 6.21 -17.74 12.37
C ARG B 73 6.29 -16.40 11.67
N TYR B 74 6.50 -16.44 10.36
CA TYR B 74 6.34 -15.24 9.53
C TYR B 74 5.25 -15.55 8.54
N ILE B 75 4.31 -14.63 8.36
CA ILE B 75 3.28 -14.82 7.36
C ILE B 75 3.30 -13.70 6.33
N ILE B 76 3.18 -14.07 5.07
CA ILE B 76 3.00 -13.12 4.00
C ILE B 76 1.64 -13.38 3.36
N ALA B 77 0.82 -12.35 3.28
CA ALA B 77 -0.57 -12.51 2.89
C ALA B 77 -1.04 -11.42 1.96
N ASP B 78 -1.70 -11.85 0.89
CA ASP B 78 -2.35 -10.96 -0.08
C ASP B 78 -3.75 -10.61 0.42
N MET B 79 -3.86 -9.58 1.26
CA MET B 79 -5.14 -9.20 1.85
C MET B 79 -6.00 -8.34 0.93
N PRO B 80 -7.29 -8.68 0.81
CA PRO B 80 -8.28 -7.85 0.10
C PRO B 80 -8.85 -6.80 1.05
N ILE B 81 -8.59 -5.53 0.75
CA ILE B 81 -8.98 -4.44 1.63
C ILE B 81 -10.39 -3.91 1.38
N PRO B 82 -11.19 -3.80 2.44
CA PRO B 82 -12.51 -3.19 2.32
C PRO B 82 -12.42 -1.67 2.26
N THR B 83 -13.33 -1.04 1.53
CA THR B 83 -13.31 0.41 1.33
C THR B 83 -14.65 0.97 1.80
N PRO B 84 -14.70 2.29 2.06
CA PRO B 84 -15.98 2.98 2.10
C PRO B 84 -16.85 2.55 0.92
N GLU B 85 -16.19 2.08 -0.14
CA GLU B 85 -16.86 1.58 -1.33
C GLU B 85 -16.77 0.04 -1.30
N GLY B 86 -17.27 -0.65 -2.32
CA GLY B 86 -17.66 -0.08 -3.59
C GLY B 86 -16.55 -0.38 -4.58
N VAL B 87 -15.30 -0.28 -4.09
CA VAL B 87 -14.11 -0.61 -4.87
C VAL B 87 -13.00 -1.16 -3.99
N LEU B 88 -12.92 -2.48 -3.86
CA LEU B 88 -11.93 -3.10 -2.98
C LEU B 88 -10.69 -3.58 -3.71
N ARG B 89 -9.53 -3.35 -3.10
CA ARG B 89 -8.24 -3.75 -3.69
C ARG B 89 -7.44 -4.64 -2.72
N ASP B 90 -6.35 -5.23 -3.20
CA ASP B 90 -5.51 -6.07 -2.33
C ASP B 90 -4.16 -5.43 -1.95
N ARG B 91 -3.65 -5.82 -0.79
CA ARG B 91 -2.36 -5.37 -0.29
C ARG B 91 -1.61 -6.55 0.33
N ILE B 92 -0.30 -6.59 0.14
CA ILE B 92 0.51 -7.63 0.75
C ILE B 92 1.00 -7.22 2.14
N TYR B 93 0.66 -8.02 3.14
CA TYR B 93 1.13 -7.74 4.48
C TYR B 93 2.20 -8.73 4.91
N PHE B 94 3.23 -8.23 5.60
CA PHE B 94 4.13 -9.15 6.24
C PHE B 94 3.76 -9.19 7.74
N ILE B 95 3.48 -10.38 8.24
CA ILE B 95 3.04 -10.54 9.61
C ILE B 95 4.02 -11.38 10.39
N PHE B 96 4.53 -10.82 11.47
CA PHE B 96 5.37 -11.54 12.39
C PHE B 96 4.56 -11.99 13.59
N TRP B 97 4.24 -13.27 13.59
CA TRP B 97 3.57 -13.91 14.71
C TRP B 97 4.64 -14.23 15.78
N SER B 98 4.53 -13.59 16.94
CA SER B 98 5.53 -13.76 17.99
C SER B 98 4.90 -14.01 19.34
N PRO B 99 4.29 -15.17 19.53
CA PRO B 99 3.60 -15.47 20.79
C PRO B 99 4.53 -15.35 22.00
N GLY B 100 3.97 -15.27 23.21
CA GLY B 100 4.76 -15.12 24.40
C GLY B 100 5.32 -16.41 24.98
N LEU B 101 4.87 -17.54 24.46
CA LEU B 101 5.19 -18.85 25.03
C LEU B 101 6.38 -19.53 24.35
N SER B 102 6.73 -19.10 23.15
CA SER B 102 7.87 -19.68 22.46
C SER B 102 9.16 -19.44 23.25
N LYS B 103 10.03 -20.45 23.29
CA LYS B 103 11.28 -20.33 24.03
C LYS B 103 11.98 -19.00 23.76
N PRO B 104 12.67 -18.44 24.76
CA PRO B 104 13.35 -17.16 24.59
C PRO B 104 14.28 -17.14 23.39
N LYS B 105 15.13 -18.15 23.28
CA LYS B 105 16.06 -18.25 22.18
C LYS B 105 15.33 -18.37 20.84
N GLU B 106 14.10 -18.85 20.88
CA GLU B 106 13.27 -18.93 19.67
C GLU B 106 12.80 -17.55 19.23
N LYS B 107 12.22 -16.80 20.16
CA LYS B 107 11.77 -15.44 19.87
C LYS B 107 12.95 -14.64 19.36
N MET B 108 14.00 -14.55 20.17
CA MET B 108 15.19 -13.82 19.78
C MET B 108 15.64 -14.23 18.38
N LEU B 109 15.47 -15.51 18.07
CA LEU B 109 15.81 -16.03 16.76
C LEU B 109 14.94 -15.38 15.69
N TYR B 110 13.65 -15.71 15.72
CA TYR B 110 12.70 -15.14 14.78
C TYR B 110 12.79 -13.61 14.73
N ALA B 111 12.84 -12.98 15.88
CA ALA B 111 12.86 -11.52 15.95
C ALA B 111 14.05 -10.92 15.19
N ALA B 112 15.23 -11.52 15.37
CA ALA B 112 16.43 -11.01 14.72
C ALA B 112 16.49 -11.48 13.27
N SER B 113 15.99 -12.70 13.05
CA SER B 113 16.00 -13.31 11.72
C SER B 113 14.97 -12.68 10.79
N LYS B 114 13.99 -12.01 11.39
CA LYS B 114 12.92 -11.39 10.62
C LYS B 114 13.50 -10.54 9.51
N GLU B 115 14.59 -9.86 9.82
CA GLU B 115 15.18 -8.91 8.90
C GLU B 115 15.76 -9.57 7.66
N SER B 116 16.50 -10.65 7.85
CA SER B 116 17.17 -11.32 6.75
C SER B 116 16.21 -11.92 5.72
N LEU B 117 14.94 -12.01 6.09
CA LEU B 117 13.91 -12.46 5.14
C LEU B 117 13.25 -11.26 4.45
N VAL B 118 12.84 -10.27 5.24
CA VAL B 118 12.16 -9.10 4.69
C VAL B 118 13.10 -8.36 3.74
N ARG B 119 14.40 -8.52 3.98
CA ARG B 119 15.43 -7.95 3.13
C ARG B 119 15.42 -8.53 1.71
N LYS B 120 15.19 -9.83 1.59
CA LYS B 120 15.24 -10.50 0.30
C LYS B 120 13.91 -10.44 -0.45
N ILE B 121 13.00 -9.61 0.05
CA ILE B 121 11.63 -9.51 -0.48
C ILE B 121 11.25 -8.09 -0.92
N ASN B 122 10.70 -7.99 -2.13
CA ASN B 122 10.30 -6.70 -2.66
C ASN B 122 8.79 -6.58 -2.85
N GLY B 123 8.18 -5.64 -2.15
CA GLY B 123 6.79 -5.32 -2.39
C GLY B 123 5.81 -5.54 -1.24
N ILE B 124 6.29 -5.58 -0.01
CA ILE B 124 5.32 -5.72 1.07
C ILE B 124 4.72 -4.35 1.37
N PHE B 125 3.40 -4.29 1.51
CA PHE B 125 2.73 -3.02 1.81
C PHE B 125 2.99 -2.61 3.26
N LYS B 126 2.78 -3.53 4.20
CA LYS B 126 3.03 -3.21 5.58
C LYS B 126 3.53 -4.42 6.36
N SER B 127 4.36 -4.15 7.36
CA SER B 127 4.85 -5.19 8.23
C SER B 127 4.15 -5.00 9.58
N LEU B 128 3.64 -6.09 10.14
CA LEU B 128 2.98 -6.05 11.44
C LEU B 128 3.70 -6.97 12.40
N GLU B 129 3.63 -6.65 13.68
CA GLU B 129 4.12 -7.56 14.71
C GLU B 129 2.97 -7.91 15.64
N ILE B 130 2.66 -9.20 15.74
CA ILE B 130 1.55 -9.63 16.55
C ILE B 130 2.02 -10.57 17.65
N THR B 131 1.67 -10.22 18.88
CA THR B 131 2.21 -10.85 20.07
C THR B 131 1.12 -11.34 21.04
N CYS B 132 -0.13 -11.26 20.61
CA CYS B 132 -1.25 -11.62 21.49
C CYS B 132 -1.48 -13.13 21.61
N ASP B 133 -2.51 -13.51 22.36
CA ASP B 133 -2.92 -14.89 22.45
C ASP B 133 -3.54 -15.31 21.13
N ILE B 134 -3.46 -16.61 20.84
CA ILE B 134 -3.91 -17.13 19.56
C ILE B 134 -5.40 -17.01 19.39
N ASN B 135 -6.15 -17.07 20.49
CA ASN B 135 -7.60 -16.94 20.46
C ASN B 135 -8.08 -15.54 20.11
N GLU B 136 -7.17 -14.57 20.13
CA GLU B 136 -7.52 -13.20 19.82
C GLU B 136 -6.89 -12.75 18.51
N PHE B 137 -6.23 -13.68 17.83
CA PHE B 137 -5.50 -13.39 16.60
C PHE B 137 -6.37 -12.88 15.47
N GLU B 138 -7.52 -13.52 15.27
CA GLU B 138 -8.39 -13.14 14.16
C GLU B 138 -8.84 -11.69 14.28
N GLU B 139 -9.28 -11.36 15.47
CA GLU B 139 -9.92 -10.11 15.80
C GLU B 139 -8.91 -8.98 15.80
N GLU B 140 -7.71 -9.27 16.30
CA GLU B 140 -6.65 -8.28 16.35
C GLU B 140 -6.07 -7.99 14.96
N LEU B 141 -5.78 -9.05 14.21
CA LEU B 141 -5.27 -8.90 12.86
C LEU B 141 -6.23 -8.07 12.01
N LYS B 142 -7.52 -8.44 12.09
CA LYS B 142 -8.54 -7.73 11.35
C LYS B 142 -8.61 -6.26 11.70
N ALA B 143 -8.49 -5.93 12.98
CA ALA B 143 -8.61 -4.54 13.41
C ALA B 143 -7.38 -3.73 13.04
N ILE B 144 -6.20 -4.35 13.11
CA ILE B 144 -4.98 -3.67 12.68
C ILE B 144 -5.10 -3.36 11.19
N ILE B 145 -5.52 -4.34 10.40
CA ILE B 145 -5.70 -4.12 8.95
C ILE B 145 -6.75 -3.07 8.62
N LEU B 146 -7.92 -3.15 9.24
CA LEU B 146 -8.98 -2.19 8.97
C LEU B 146 -8.62 -0.78 9.41
N ASN B 147 -7.73 -0.66 10.39
CA ASN B 147 -7.40 0.68 10.89
C ASN B 147 -6.06 1.19 10.43
N THR B 148 -5.54 0.67 9.32
CA THR B 148 -4.29 1.19 8.80
C THR B 148 -4.52 2.00 7.53
#